data_6VB4
#
_entry.id   6VB4
#
_cell.length_a   51.359
_cell.length_b   81.572
_cell.length_c   111.072
_cell.angle_alpha   90.000
_cell.angle_beta   90.000
_cell.angle_gamma   90.000
#
_symmetry.space_group_name_H-M   'P 21 21 21'
#
loop_
_entity.id
_entity.type
_entity.pdbx_description
1 polymer 'MHC class I antigen'
2 polymer Beta-2-microglobulin
3 polymer 'Synthetic peptide THR-VAL-ALA-ALA-SER-GLY-HIS-SER-TYR'
4 non-polymer 'ACETATE ION'
5 non-polymer 1,2-ETHANEDIOL
6 water water
#
loop_
_entity_poly.entity_id
_entity_poly.type
_entity_poly.pdbx_seq_one_letter_code
_entity_poly.pdbx_strand_id
1 'polypeptide(L)'
;GSHSMRYFYTAMSRPGRGEPRFIAVGYVDDTQFVRFDSDAASPRMAPRAPWIEQEGPEYWDRNTQISKTNTQTYRESLRN
LRGYYNQSEAGSHIIQRMYGCDVGPDGRLLRGYDQSAYDGKDYIALNEDLSSWTAADTAAQITQRKWEAAREAEQLRAYL
EGLCVEWLRRYLENGKETLQRADPPKTHVTHHPISDHEATLRCWALGFYPAEITLTWQRDGEDQTQDTELVETRPAGDRT
FQKWAAVVVPSGEEQRYTCHVQHEGLPKPLTLRWEP
;
A
2 'polypeptide(L)'
;MIQRTPKIQVYSRHPAENGKSNFLNCYVSGFHPSDIEVDLLKNGERIEKVEHSDLSFSKDWSFYLLYYTEFTPTEKDEYA
CRVNHVTLSQPKIVKWDRD
;
B
3 'polypeptide(L)' TVAASGHSY C
#
loop_
_chem_comp.id
_chem_comp.type
_chem_comp.name
_chem_comp.formula
ACT non-polymer 'ACETATE ION' 'C2 H3 O2 -1'
EDO non-polymer 1,2-ETHANEDIOL 'C2 H6 O2'
#
# COMPACT_ATOMS: atom_id res chain seq x y z
N GLY A 1 -16.18 8.69 7.32
CA GLY A 1 -17.48 8.02 7.42
C GLY A 1 -17.34 6.53 7.71
N SER A 2 -17.17 5.75 6.65
CA SER A 2 -16.95 4.32 6.79
CA SER A 2 -16.94 4.32 6.78
C SER A 2 -15.46 4.04 7.03
N HIS A 3 -15.16 2.81 7.47
CA HIS A 3 -13.79 2.49 7.83
C HIS A 3 -13.49 1.02 7.55
N SER A 4 -12.22 0.70 7.57
CA SER A 4 -11.80 -0.67 7.32
C SER A 4 -10.59 -1.01 8.18
N MET A 5 -10.47 -2.29 8.50
CA MET A 5 -9.27 -2.89 9.05
C MET A 5 -8.86 -4.00 8.11
N ARG A 6 -7.56 -4.06 7.78
CA ARG A 6 -7.02 -5.13 6.96
C ARG A 6 -5.70 -5.60 7.54
N TYR A 7 -5.51 -6.92 7.56
CA TYR A 7 -4.21 -7.52 7.76
C TYR A 7 -3.71 -8.08 6.43
N PHE A 8 -2.41 -7.93 6.20
CA PHE A 8 -1.74 -8.35 4.97
C PHE A 8 -0.58 -9.27 5.34
N TYR A 9 -0.66 -10.53 4.92
CA TYR A 9 0.37 -11.53 5.20
C TYR A 9 1.12 -11.82 3.92
N THR A 10 2.46 -11.88 4.01
CA THR A 10 3.27 -12.34 2.88
C THR A 10 4.23 -13.39 3.40
N ALA A 11 4.24 -14.55 2.75
CA ALA A 11 5.13 -15.65 3.09
C ALA A 11 5.95 -15.99 1.86
N MET A 12 7.26 -16.00 2.01
CA MET A 12 8.16 -15.99 0.87
C MET A 12 9.24 -17.03 1.07
N SER A 13 9.28 -18.03 0.21
CA SER A 13 10.36 -18.97 0.33
C SER A 13 11.60 -18.40 -0.34
N ARG A 14 12.75 -18.90 0.10
CA ARG A 14 14.05 -18.46 -0.40
C ARG A 14 14.98 -19.65 -0.30
N PRO A 15 14.87 -20.60 -1.22
CA PRO A 15 15.60 -21.86 -1.07
C PRO A 15 17.10 -21.58 -1.01
N GLY A 16 17.78 -22.29 -0.13
CA GLY A 16 19.19 -22.06 0.07
C GLY A 16 19.53 -20.84 0.88
N ARG A 17 18.54 -20.09 1.38
CA ARG A 17 18.82 -18.88 2.15
C ARG A 17 17.98 -18.83 3.41
N GLY A 18 17.80 -20.01 4.03
CA GLY A 18 17.02 -20.14 5.24
C GLY A 18 15.56 -20.50 4.98
N GLU A 19 14.82 -20.50 6.07
CA GLU A 19 13.42 -20.84 6.02
C GLU A 19 12.60 -19.69 5.43
N PRO A 20 11.43 -19.97 4.88
CA PRO A 20 10.58 -18.88 4.37
C PRO A 20 10.30 -17.79 5.40
N ARG A 21 10.34 -16.55 4.92
CA ARG A 21 10.03 -15.38 5.72
C ARG A 21 8.53 -15.10 5.74
N PHE A 22 8.02 -14.77 6.93
CA PHE A 22 6.63 -14.42 7.15
C PHE A 22 6.56 -13.00 7.69
N ILE A 23 5.85 -12.12 6.98
CA ILE A 23 5.63 -10.74 7.40
C ILE A 23 4.13 -10.48 7.51
N ALA A 24 3.70 -9.90 8.63
CA ALA A 24 2.33 -9.48 8.83
C ALA A 24 2.32 -7.98 9.10
N VAL A 25 1.38 -7.26 8.47
CA VAL A 25 1.15 -5.86 8.79
C VAL A 25 -0.35 -5.61 8.94
N GLY A 26 -0.71 -4.74 9.86
CA GLY A 26 -2.11 -4.40 10.09
C GLY A 26 -2.32 -2.93 9.78
N TYR A 27 -3.47 -2.63 9.17
CA TYR A 27 -3.87 -1.27 8.83
C TYR A 27 -5.26 -1.00 9.38
N VAL A 28 -5.48 0.24 9.79
CA VAL A 28 -6.81 0.83 9.88
C VAL A 28 -6.91 1.90 8.81
N ASP A 29 -7.82 1.72 7.86
CA ASP A 29 -7.89 2.57 6.67
C ASP A 29 -6.50 2.64 6.04
N ASP A 30 -5.96 3.86 5.86
CA ASP A 30 -4.66 4.02 5.22
C ASP A 30 -3.52 4.19 6.21
N THR A 31 -3.75 3.79 7.47
CA THR A 31 -2.78 3.94 8.55
C THR A 31 -2.31 2.56 9.01
N GLN A 32 -1.01 2.29 8.85
CA GLN A 32 -0.44 1.08 9.42
C GLN A 32 -0.31 1.20 10.93
N PHE A 33 -0.62 0.13 11.66
CA PHE A 33 -0.53 0.22 13.12
C PHE A 33 0.21 -0.92 13.79
N VAL A 34 0.41 -2.07 13.15
CA VAL A 34 1.22 -3.14 13.71
C VAL A 34 2.03 -3.77 12.59
N ARG A 35 3.09 -4.48 12.97
CA ARG A 35 3.87 -5.31 12.06
C ARG A 35 4.50 -6.46 12.82
N PHE A 36 4.73 -7.56 12.10
CA PHE A 36 5.48 -8.73 12.58
C PHE A 36 6.39 -9.20 11.46
N ASP A 37 7.64 -9.50 11.78
CA ASP A 37 8.60 -9.93 10.78
C ASP A 37 9.38 -11.09 11.35
N SER A 38 9.33 -12.25 10.69
CA SER A 38 9.92 -13.44 11.28
C SER A 38 11.45 -13.44 11.21
N ASP A 39 12.06 -12.53 10.43
CA ASP A 39 13.50 -12.35 10.41
C ASP A 39 14.01 -11.48 11.55
N ALA A 40 13.11 -10.85 12.31
CA ALA A 40 13.58 -9.92 13.33
C ALA A 40 14.35 -10.67 14.40
N ALA A 41 15.27 -9.95 15.05
CA ALA A 41 16.08 -10.54 16.12
C ALA A 41 15.20 -11.20 17.17
N SER A 42 14.20 -10.47 17.67
CA SER A 42 13.17 -11.00 18.55
C SER A 42 11.83 -10.84 17.83
N PRO A 43 11.36 -11.89 17.14
CA PRO A 43 10.09 -11.78 16.40
C PRO A 43 8.89 -11.54 17.30
N ARG A 44 8.17 -10.45 17.04
CA ARG A 44 6.95 -10.16 17.79
C ARG A 44 6.10 -9.13 17.05
N MET A 45 4.81 -9.14 17.33
CA MET A 45 3.95 -8.06 16.88
C MET A 45 4.39 -6.76 17.55
N ALA A 46 4.63 -5.75 16.75
CA ALA A 46 5.21 -4.52 17.24
C ALA A 46 4.37 -3.33 16.80
N PRO A 47 4.33 -2.27 17.61
CA PRO A 47 3.49 -1.10 17.28
C PRO A 47 4.08 -0.24 16.17
N ARG A 48 3.19 0.23 15.28
CA ARG A 48 3.61 1.18 14.25
C ARG A 48 2.77 2.45 14.25
N ALA A 49 1.90 2.64 15.23
CA ALA A 49 1.18 3.89 15.40
C ALA A 49 1.01 4.18 16.89
N PRO A 50 0.98 5.44 17.29
CA PRO A 50 0.93 5.76 18.73
C PRO A 50 -0.27 5.17 19.46
N TRP A 51 -1.46 5.25 18.86
CA TRP A 51 -2.69 4.89 19.54
C TRP A 51 -2.82 3.40 19.81
N ILE A 52 -1.95 2.57 19.24
CA ILE A 52 -1.98 1.15 19.55
C ILE A 52 -1.03 0.82 20.70
N GLU A 53 -0.10 1.72 21.05
CA GLU A 53 0.91 1.40 22.05
C GLU A 53 0.28 1.07 23.41
N GLN A 54 -0.84 1.70 23.73
CA GLN A 54 -1.47 1.52 25.03
C GLN A 54 -2.02 0.10 25.24
N GLU A 55 -2.03 -0.76 24.23
CA GLU A 55 -2.63 -2.08 24.42
C GLU A 55 -1.79 -2.89 25.39
N GLY A 56 -2.47 -3.74 26.17
CA GLY A 56 -1.85 -4.44 27.28
C GLY A 56 -1.02 -5.63 26.86
N PRO A 57 -0.26 -6.17 27.82
CA PRO A 57 0.61 -7.32 27.52
C PRO A 57 -0.13 -8.50 26.91
N GLU A 58 -1.35 -8.80 27.37
CA GLU A 58 -2.07 -9.93 26.79
C GLU A 58 -2.35 -9.70 25.31
N TYR A 59 -2.52 -8.43 24.89
CA TYR A 59 -2.71 -8.15 23.47
C TYR A 59 -1.47 -8.54 22.67
N TRP A 60 -0.33 -7.97 23.02
CA TRP A 60 0.90 -8.21 22.27
C TRP A 60 1.35 -9.66 22.35
N ASP A 61 1.01 -10.35 23.45
CA ASP A 61 1.34 -11.76 23.55
C ASP A 61 0.47 -12.59 22.64
N ARG A 62 -0.84 -12.33 22.64
CA ARG A 62 -1.72 -13.05 21.73
C ARG A 62 -1.32 -12.80 20.29
N ASN A 63 -1.14 -11.52 19.92
CA ASN A 63 -0.83 -11.20 18.52
C ASN A 63 0.51 -11.78 18.11
N THR A 64 1.49 -11.80 19.03
CA THR A 64 2.79 -12.39 18.71
C THR A 64 2.71 -13.91 18.59
N GLN A 65 1.92 -14.53 19.47
CA GLN A 65 1.80 -15.99 19.46
C GLN A 65 1.15 -16.48 18.18
N ILE A 66 0.02 -15.88 17.82
CA ILE A 66 -0.65 -16.21 16.56
C ILE A 66 0.32 -16.04 15.41
N SER A 67 1.07 -14.93 15.38
CA SER A 67 2.02 -14.67 14.31
C SER A 67 3.15 -15.70 14.29
N LYS A 68 3.62 -16.14 15.46
CA LYS A 68 4.67 -17.15 15.48
C LYS A 68 4.16 -18.47 14.94
N THR A 69 2.95 -18.87 15.35
CA THR A 69 2.33 -20.07 14.79
C THR A 69 2.15 -19.93 13.28
N ASN A 70 1.72 -18.74 12.81
CA ASN A 70 1.51 -18.53 11.39
C ASN A 70 2.81 -18.70 10.61
N THR A 71 3.92 -18.24 11.18
CA THR A 71 5.22 -18.41 10.53
C THR A 71 5.45 -19.87 10.14
N GLN A 72 5.14 -20.80 11.05
CA GLN A 72 5.36 -22.21 10.78
C GLN A 72 4.29 -22.78 9.84
N THR A 73 3.03 -22.40 10.04
CA THR A 73 1.99 -22.89 9.15
C THR A 73 2.22 -22.42 7.72
N TYR A 74 2.63 -21.17 7.55
CA TYR A 74 2.82 -20.70 6.18
C TYR A 74 4.02 -21.38 5.53
N ARG A 75 5.02 -21.76 6.34
CA ARG A 75 6.10 -22.58 5.83
C ARG A 75 5.58 -23.94 5.38
N GLU A 76 4.70 -24.55 6.16
CA GLU A 76 4.05 -25.78 5.74
C GLU A 76 3.26 -25.57 4.46
N SER A 77 2.54 -24.46 4.35
CA SER A 77 1.67 -24.23 3.21
C SER A 77 2.45 -23.97 1.92
N LEU A 78 3.61 -23.32 2.01
CA LEU A 78 4.45 -23.15 0.83
C LEU A 78 4.94 -24.50 0.32
N ARG A 79 5.30 -25.42 1.24
CA ARG A 79 5.71 -26.76 0.81
C ARG A 79 4.56 -27.49 0.17
N ASN A 80 3.37 -27.39 0.75
CA ASN A 80 2.18 -28.02 0.19
C ASN A 80 1.87 -27.47 -1.20
N LEU A 81 1.85 -26.14 -1.36
CA LEU A 81 1.51 -25.55 -2.66
C LEU A 81 2.55 -25.89 -3.72
N ARG A 82 3.83 -25.94 -3.33
CA ARG A 82 4.85 -26.35 -4.27
C ARG A 82 4.54 -27.76 -4.80
N GLY A 83 4.05 -28.64 -3.92
CA GLY A 83 3.64 -29.95 -4.37
C GLY A 83 2.40 -29.92 -5.26
N TYR A 84 1.40 -29.11 -4.90
CA TYR A 84 0.16 -29.06 -5.69
C TYR A 84 0.45 -28.71 -7.14
N TYR A 85 1.54 -28.00 -7.41
CA TYR A 85 1.88 -27.57 -8.75
C TYR A 85 3.11 -28.28 -9.30
N ASN A 86 3.57 -29.36 -8.67
CA ASN A 86 4.74 -30.10 -9.17
C ASN A 86 5.93 -29.17 -9.40
N GLN A 87 6.14 -28.23 -8.49
CA GLN A 87 7.24 -27.28 -8.66
C GLN A 87 8.50 -27.82 -7.98
N SER A 88 9.65 -27.40 -8.46
CA SER A 88 10.89 -27.88 -7.87
C SER A 88 11.27 -27.07 -6.63
N GLU A 89 12.22 -27.62 -5.88
CA GLU A 89 12.70 -26.97 -4.67
C GLU A 89 13.56 -25.76 -4.95
N ALA A 90 13.93 -25.51 -6.20
CA ALA A 90 14.90 -24.45 -6.49
C ALA A 90 14.28 -23.05 -6.48
N GLY A 91 13.03 -22.92 -6.89
CA GLY A 91 12.44 -21.59 -7.04
C GLY A 91 11.89 -21.03 -5.74
N SER A 92 11.81 -19.70 -5.68
CA SER A 92 11.17 -19.04 -4.55
C SER A 92 9.74 -18.65 -4.93
N HIS A 93 8.83 -18.82 -3.97
CA HIS A 93 7.42 -18.63 -4.20
C HIS A 93 6.84 -17.84 -3.04
N ILE A 94 5.66 -17.27 -3.27
CA ILE A 94 5.07 -16.27 -2.39
C ILE A 94 3.59 -16.60 -2.19
N ILE A 95 3.19 -16.76 -0.94
CA ILE A 95 1.78 -16.72 -0.59
C ILE A 95 1.47 -15.34 -0.04
N GLN A 96 0.42 -14.72 -0.55
CA GLN A 96 -0.06 -13.47 0.01
C GLN A 96 -1.47 -13.66 0.49
N ARG A 97 -1.80 -12.98 1.59
CA ARG A 97 -3.14 -13.06 2.13
C ARG A 97 -3.56 -11.70 2.61
N MET A 98 -4.80 -11.33 2.32
CA MET A 98 -5.43 -10.15 2.90
C MET A 98 -6.75 -10.58 3.52
N TYR A 99 -7.04 -10.06 4.71
CA TYR A 99 -8.35 -10.27 5.30
C TYR A 99 -8.70 -9.08 6.16
N GLY A 100 -9.99 -8.89 6.40
CA GLY A 100 -10.43 -7.85 7.30
C GLY A 100 -11.88 -7.49 7.07
N CYS A 101 -12.28 -6.34 7.64
CA CYS A 101 -13.67 -5.91 7.64
C CYS A 101 -13.80 -4.44 7.24
N ASP A 102 -14.94 -4.13 6.61
CA ASP A 102 -15.41 -2.78 6.36
C ASP A 102 -16.60 -2.50 7.27
N VAL A 103 -16.59 -1.35 7.97
CA VAL A 103 -17.75 -0.94 8.75
C VAL A 103 -18.23 0.41 8.26
N GLY A 104 -19.56 0.59 8.27
CA GLY A 104 -20.17 1.88 7.96
C GLY A 104 -20.07 2.83 9.15
N PRO A 105 -20.63 4.03 8.97
CA PRO A 105 -20.49 5.06 10.02
C PRO A 105 -21.12 4.66 11.36
N ASP A 106 -22.08 3.74 11.37
CA ASP A 106 -22.62 3.23 12.61
C ASP A 106 -21.74 2.16 13.25
N GLY A 107 -20.62 1.80 12.60
CA GLY A 107 -19.80 0.72 13.09
C GLY A 107 -20.32 -0.68 12.82
N ARG A 108 -21.44 -0.82 12.11
CA ARG A 108 -21.96 -2.12 11.73
C ARG A 108 -21.15 -2.68 10.57
N LEU A 109 -21.02 -4.02 10.53
CA LEU A 109 -20.22 -4.67 9.50
C LEU A 109 -20.88 -4.52 8.14
N LEU A 110 -20.13 -3.98 7.18
CA LEU A 110 -20.61 -3.90 5.80
C LEU A 110 -20.26 -5.18 5.03
N ARG A 111 -19.01 -5.61 5.11
CA ARG A 111 -18.65 -6.94 4.61
C ARG A 111 -17.28 -7.33 5.15
N GLY A 112 -17.02 -8.63 5.08
CA GLY A 112 -15.71 -9.13 5.43
C GLY A 112 -14.97 -9.69 4.23
N TYR A 113 -13.65 -9.84 4.36
CA TYR A 113 -12.80 -10.30 3.27
C TYR A 113 -11.82 -11.33 3.79
N ASP A 114 -11.52 -12.32 2.96
CA ASP A 114 -10.33 -13.13 3.15
C ASP A 114 -9.93 -13.70 1.80
N GLN A 115 -8.71 -13.42 1.35
CA GLN A 115 -8.30 -13.95 0.06
C GLN A 115 -6.81 -14.10 0.00
N SER A 116 -6.39 -15.01 -0.87
CA SER A 116 -5.05 -15.51 -0.94
C SER A 116 -4.61 -15.58 -2.38
N ALA A 117 -3.31 -15.38 -2.57
CA ALA A 117 -2.71 -15.47 -3.89
C ALA A 117 -1.40 -16.23 -3.78
N TYR A 118 -1.08 -16.95 -4.84
CA TYR A 118 0.15 -17.71 -4.95
C TYR A 118 0.93 -17.12 -6.11
N ASP A 119 2.13 -16.62 -5.82
CA ASP A 119 3.00 -16.01 -6.83
C ASP A 119 2.28 -14.90 -7.62
N GLY A 120 1.34 -14.22 -6.97
CA GLY A 120 0.70 -13.05 -7.53
C GLY A 120 -0.65 -13.31 -8.17
N LYS A 121 -1.05 -14.58 -8.28
CA LYS A 121 -2.29 -14.99 -8.94
C LYS A 121 -3.31 -15.44 -7.91
N ASP A 122 -4.55 -15.05 -8.11
CA ASP A 122 -5.63 -15.43 -7.22
C ASP A 122 -5.65 -16.94 -7.03
N TYR A 123 -5.76 -17.36 -5.78
CA TYR A 123 -5.67 -18.77 -5.42
C TYR A 123 -6.96 -19.23 -4.77
N ILE A 124 -7.31 -18.71 -3.60
CA ILE A 124 -8.58 -19.02 -2.97
C ILE A 124 -9.08 -17.76 -2.26
N ALA A 125 -10.39 -17.56 -2.28
CA ALA A 125 -11.00 -16.41 -1.62
C ALA A 125 -12.27 -16.86 -0.92
N LEU A 126 -12.50 -16.33 0.28
CA LEU A 126 -13.77 -16.53 0.95
C LEU A 126 -14.86 -15.71 0.27
N ASN A 127 -15.99 -16.34 -0.04
CA ASN A 127 -17.06 -15.64 -0.73
C ASN A 127 -17.67 -14.59 0.20
N GLU A 128 -18.42 -13.65 -0.38
CA GLU A 128 -18.96 -12.56 0.42
C GLU A 128 -19.89 -13.07 1.53
N ASP A 129 -20.53 -14.23 1.34
CA ASP A 129 -21.42 -14.78 2.35
C ASP A 129 -20.67 -15.30 3.58
N LEU A 130 -19.33 -15.23 3.60
CA LEU A 130 -18.50 -15.71 4.72
C LEU A 130 -18.80 -17.16 5.04
N SER A 131 -19.18 -17.95 4.04
CA SER A 131 -19.55 -19.35 4.28
C SER A 131 -19.00 -20.31 3.26
N SER A 132 -18.64 -19.86 2.06
CA SER A 132 -18.21 -20.73 0.98
C SER A 132 -16.94 -20.16 0.34
N TRP A 133 -16.28 -20.98 -0.46
CA TRP A 133 -14.99 -20.65 -1.03
C TRP A 133 -15.07 -20.63 -2.55
N THR A 134 -14.26 -19.76 -3.15
CA THR A 134 -13.98 -19.82 -4.59
C THR A 134 -12.52 -20.26 -4.78
N ALA A 135 -12.34 -21.47 -5.31
CA ALA A 135 -11.01 -21.97 -5.66
C ALA A 135 -10.69 -21.62 -7.11
N ALA A 136 -9.46 -21.21 -7.36
CA ALA A 136 -9.11 -20.77 -8.71
C ALA A 136 -8.71 -21.90 -9.64
N ASP A 137 -8.29 -23.04 -9.12
CA ASP A 137 -7.83 -24.15 -9.95
C ASP A 137 -7.87 -25.42 -9.09
N THR A 138 -7.47 -26.55 -9.67
CA THR A 138 -7.56 -27.82 -8.95
C THR A 138 -6.59 -27.92 -7.77
N ALA A 139 -5.52 -27.12 -7.77
CA ALA A 139 -4.66 -27.03 -6.59
C ALA A 139 -5.41 -26.38 -5.42
N ALA A 140 -6.07 -25.26 -5.69
CA ALA A 140 -6.81 -24.55 -4.67
C ALA A 140 -7.98 -25.38 -4.14
N GLN A 141 -8.50 -26.33 -4.95
CA GLN A 141 -9.59 -27.18 -4.48
C GLN A 141 -9.14 -28.05 -3.33
N ILE A 142 -7.89 -28.50 -3.36
CA ILE A 142 -7.34 -29.24 -2.23
C ILE A 142 -7.32 -28.37 -0.99
N THR A 143 -6.82 -27.14 -1.10
CA THR A 143 -6.87 -26.24 0.05
C THR A 143 -8.30 -26.05 0.51
N GLN A 144 -9.24 -25.94 -0.43
CA GLN A 144 -10.64 -25.73 -0.07
C GLN A 144 -11.17 -26.90 0.73
N ARG A 145 -10.87 -28.13 0.31
CA ARG A 145 -11.32 -29.30 1.07
CA ARG A 145 -11.31 -29.31 1.07
C ARG A 145 -10.65 -29.36 2.43
N LYS A 146 -9.38 -28.98 2.52
CA LYS A 146 -8.74 -28.91 3.84
C LYS A 146 -9.47 -27.91 4.73
N TRP A 147 -9.87 -26.77 4.17
CA TRP A 147 -10.43 -25.70 4.99
C TRP A 147 -11.88 -25.96 5.35
N GLU A 148 -12.62 -26.66 4.50
CA GLU A 148 -13.95 -27.10 4.88
C GLU A 148 -13.90 -28.04 6.09
N ALA A 149 -13.04 -29.06 6.03
CA ALA A 149 -12.89 -29.96 7.16
C ALA A 149 -12.36 -29.24 8.41
N ALA A 150 -11.56 -28.20 8.24
CA ALA A 150 -11.10 -27.43 9.39
C ALA A 150 -12.09 -26.38 9.84
N ARG A 151 -13.21 -26.24 9.14
CA ARG A 151 -14.19 -25.19 9.43
C ARG A 151 -13.51 -23.81 9.46
N GLU A 152 -12.64 -23.56 8.47
CA GLU A 152 -11.99 -22.25 8.36
C GLU A 152 -13.02 -21.15 8.18
N ALA A 153 -14.01 -21.37 7.29
CA ALA A 153 -14.97 -20.32 6.97
C ALA A 153 -15.75 -19.89 8.20
N GLU A 154 -16.11 -20.85 9.06
CA GLU A 154 -16.89 -20.51 10.24
C GLU A 154 -16.06 -19.71 11.23
N GLN A 155 -14.78 -20.08 11.40
CA GLN A 155 -13.89 -19.32 12.27
C GLN A 155 -13.68 -17.91 11.74
N LEU A 156 -13.49 -17.77 10.42
CA LEU A 156 -13.28 -16.44 9.86
C LEU A 156 -14.56 -15.61 9.94
N ARG A 157 -15.72 -16.23 9.72
CA ARG A 157 -16.97 -15.50 9.86
C ARG A 157 -17.13 -14.99 11.29
N ALA A 158 -16.81 -15.83 12.28
CA ALA A 158 -16.93 -15.41 13.66
C ALA A 158 -15.97 -14.26 13.94
N TYR A 159 -14.74 -14.37 13.45
CA TYR A 159 -13.79 -13.29 13.60
C TYR A 159 -14.30 -12.01 12.93
N LEU A 160 -14.70 -12.11 11.66
CA LEU A 160 -15.04 -10.93 10.86
C LEU A 160 -16.25 -10.20 11.43
N GLU A 161 -17.18 -10.92 12.02
CA GLU A 161 -18.36 -10.29 12.59
C GLU A 161 -18.17 -9.94 14.06
N GLY A 162 -17.22 -10.59 14.73
CA GLY A 162 -16.93 -10.33 16.12
C GLY A 162 -15.71 -9.46 16.31
N LEU A 163 -14.55 -10.08 16.59
CA LEU A 163 -13.35 -9.33 16.96
C LEU A 163 -13.02 -8.21 15.97
N CYS A 164 -13.09 -8.50 14.67
CA CYS A 164 -12.64 -7.52 13.66
C CYS A 164 -13.35 -6.19 13.82
N VAL A 165 -14.68 -6.25 13.92
CA VAL A 165 -15.51 -5.06 14.06
C VAL A 165 -15.32 -4.42 15.43
N GLU A 166 -15.28 -5.23 16.49
CA GLU A 166 -15.12 -4.71 17.83
C GLU A 166 -13.79 -3.98 18.00
N TRP A 167 -12.69 -4.61 17.57
CA TRP A 167 -11.39 -3.97 17.72
C TRP A 167 -11.25 -2.78 16.79
N LEU A 168 -11.84 -2.84 15.59
CA LEU A 168 -11.84 -1.67 14.73
C LEU A 168 -12.56 -0.50 15.40
N ARG A 169 -13.73 -0.75 16.00
CA ARG A 169 -14.41 0.28 16.77
C ARG A 169 -13.49 0.88 17.82
N ARG A 170 -12.81 -0.01 18.56
CA ARG A 170 -11.91 0.41 19.62
C ARG A 170 -10.71 1.18 19.05
N TYR A 171 -10.16 0.72 17.92
CA TYR A 171 -9.03 1.44 17.34
C TYR A 171 -9.45 2.83 16.87
N LEU A 172 -10.63 2.93 16.27
CA LEU A 172 -11.12 4.21 15.79
C LEU A 172 -11.34 5.20 16.92
N GLU A 173 -11.75 4.71 18.09
CA GLU A 173 -11.92 5.60 19.22
C GLU A 173 -10.57 6.03 19.80
N ASN A 174 -9.64 5.09 19.97
CA ASN A 174 -8.35 5.46 20.55
C ASN A 174 -7.52 6.33 19.61
N GLY A 175 -7.65 6.15 18.30
CA GLY A 175 -6.91 7.01 17.38
C GLY A 175 -7.79 8.05 16.72
N LYS A 176 -8.86 8.46 17.39
CA LYS A 176 -9.85 9.30 16.71
C LYS A 176 -9.28 10.64 16.25
N GLU A 177 -8.27 11.16 16.95
CA GLU A 177 -7.67 12.43 16.55
C GLU A 177 -6.87 12.36 15.26
N THR A 178 -6.47 11.16 14.82
CA THR A 178 -5.85 10.98 13.50
C THR A 178 -6.71 10.14 12.56
N LEU A 179 -7.23 9.00 13.02
CA LEU A 179 -7.97 8.12 12.12
C LEU A 179 -9.27 8.75 11.66
N GLN A 180 -9.94 9.52 12.52
CA GLN A 180 -11.17 10.21 12.14
C GLN A 180 -10.95 11.72 11.89
N ARG A 181 -9.75 12.13 11.55
CA ARG A 181 -9.47 13.50 11.11
C ARG A 181 -9.11 13.47 9.63
N ALA A 182 -9.98 14.04 8.80
CA ALA A 182 -9.72 14.12 7.36
C ALA A 182 -8.96 15.41 7.08
N ASP A 183 -7.73 15.30 6.58
CA ASP A 183 -6.94 16.48 6.27
C ASP A 183 -7.14 16.88 4.82
N PRO A 184 -7.59 18.11 4.53
CA PRO A 184 -7.88 18.45 3.15
C PRO A 184 -6.60 18.59 2.34
N PRO A 185 -6.65 18.40 1.02
CA PRO A 185 -5.46 18.65 0.20
C PRO A 185 -5.17 20.14 0.12
N LYS A 186 -3.87 20.46 0.08
CA LYS A 186 -3.41 21.75 -0.41
C LYS A 186 -3.29 21.66 -1.92
N THR A 187 -3.88 22.63 -2.62
CA THR A 187 -4.02 22.56 -4.06
C THR A 187 -3.42 23.80 -4.70
N HIS A 188 -3.02 23.65 -5.97
CA HIS A 188 -2.55 24.73 -6.84
C HIS A 188 -2.32 24.16 -8.25
N VAL A 189 -2.24 25.05 -9.24
CA VAL A 189 -2.14 24.69 -10.63
C VAL A 189 -0.85 25.26 -11.22
N THR A 190 -0.12 24.45 -11.99
CA THR A 190 1.13 24.90 -12.59
C THR A 190 1.08 24.79 -14.11
N HIS A 191 1.98 25.51 -14.75
CA HIS A 191 1.96 25.76 -16.20
C HIS A 191 3.37 25.56 -16.73
N HIS A 192 3.57 24.54 -17.56
CA HIS A 192 4.88 24.14 -18.09
C HIS A 192 4.83 24.16 -19.61
N PRO A 193 5.37 25.20 -20.25
CA PRO A 193 5.27 25.26 -21.72
C PRO A 193 6.04 24.11 -22.35
N ILE A 194 5.46 23.55 -23.41
CA ILE A 194 6.05 22.41 -24.09
C ILE A 194 6.65 22.87 -25.42
N SER A 195 6.05 23.89 -26.01
CA SER A 195 6.39 24.35 -27.34
C SER A 195 5.79 25.74 -27.50
N ASP A 196 5.82 26.26 -28.72
CA ASP A 196 5.19 27.56 -28.94
C ASP A 196 3.67 27.49 -28.85
N HIS A 197 3.07 26.33 -29.09
CA HIS A 197 1.63 26.26 -29.23
C HIS A 197 0.94 25.43 -28.15
N GLU A 198 1.68 24.74 -27.29
CA GLU A 198 1.06 23.93 -26.26
C GLU A 198 1.82 24.09 -24.96
N ALA A 199 1.11 23.84 -23.86
CA ALA A 199 1.71 23.83 -22.54
C ALA A 199 0.99 22.80 -21.68
N THR A 200 1.67 22.36 -20.63
CA THR A 200 1.14 21.41 -19.66
C THR A 200 0.53 22.14 -18.47
N LEU A 201 -0.72 21.85 -18.15
CA LEU A 201 -1.34 22.28 -16.90
C LEU A 201 -1.35 21.10 -15.96
N ARG A 202 -0.88 21.31 -14.73
CA ARG A 202 -0.78 20.25 -13.74
C ARG A 202 -1.50 20.69 -12.47
N CYS A 203 -2.48 19.90 -12.03
CA CYS A 203 -3.24 20.16 -10.81
C CYS A 203 -2.70 19.31 -9.67
N TRP A 204 -2.31 19.95 -8.58
CA TRP A 204 -1.59 19.34 -7.47
C TRP A 204 -2.48 19.24 -6.24
N ALA A 205 -2.38 18.11 -5.53
CA ALA A 205 -3.01 17.92 -4.22
C ALA A 205 -1.97 17.34 -3.27
N LEU A 206 -1.73 18.02 -2.15
CA LEU A 206 -0.72 17.61 -1.18
C LEU A 206 -1.28 17.60 0.23
N GLY A 207 -0.69 16.74 1.05
CA GLY A 207 -0.98 16.77 2.47
C GLY A 207 -2.35 16.30 2.88
N PHE A 208 -2.99 15.48 2.07
CA PHE A 208 -4.34 15.03 2.40
C PHE A 208 -4.33 13.63 2.98
N TYR A 209 -5.33 13.35 3.82
CA TYR A 209 -5.58 12.06 4.40
C TYR A 209 -7.09 11.95 4.57
N PRO A 210 -7.70 10.80 4.29
CA PRO A 210 -7.09 9.57 3.78
C PRO A 210 -6.71 9.70 2.30
N ALA A 211 -6.13 8.64 1.73
CA ALA A 211 -5.60 8.66 0.36
C ALA A 211 -6.68 8.84 -0.71
N GLU A 212 -7.94 8.53 -0.40
CA GLU A 212 -9.04 8.60 -1.36
C GLU A 212 -9.29 10.05 -1.79
N ILE A 213 -9.25 10.31 -3.10
CA ILE A 213 -9.39 11.66 -3.63
C ILE A 213 -9.86 11.55 -5.08
N THR A 214 -10.49 12.61 -5.58
CA THR A 214 -10.88 12.72 -6.99
C THR A 214 -10.26 13.98 -7.60
N LEU A 215 -9.44 13.80 -8.62
CA LEU A 215 -8.76 14.87 -9.34
C LEU A 215 -9.10 14.74 -10.80
N THR A 216 -9.72 15.77 -11.37
CA THR A 216 -10.15 15.71 -12.76
C THR A 216 -9.98 17.07 -13.43
N TRP A 217 -9.60 17.01 -14.70
CA TRP A 217 -9.61 18.19 -15.57
C TRP A 217 -10.88 18.23 -16.40
N GLN A 218 -11.34 19.45 -16.65
CA GLN A 218 -12.46 19.66 -17.55
C GLN A 218 -12.07 20.67 -18.62
N ARG A 219 -12.57 20.47 -19.82
CA ARG A 219 -12.51 21.44 -20.91
C ARG A 219 -13.94 21.86 -21.23
N ASP A 220 -14.27 23.13 -20.97
CA ASP A 220 -15.64 23.64 -21.22
C ASP A 220 -16.68 22.79 -20.47
N GLY A 221 -16.40 22.49 -19.21
CA GLY A 221 -17.28 21.65 -18.42
C GLY A 221 -17.30 20.19 -18.81
N GLU A 222 -16.41 19.75 -19.69
CA GLU A 222 -16.43 18.38 -20.18
C GLU A 222 -15.18 17.65 -19.70
N ASP A 223 -15.36 16.41 -19.24
CA ASP A 223 -14.26 15.70 -18.60
C ASP A 223 -13.21 15.28 -19.62
N GLN A 224 -11.95 15.40 -19.25
CA GLN A 224 -10.85 15.12 -20.14
C GLN A 224 -10.18 13.80 -19.77
N THR A 225 -11.01 12.78 -19.51
CA THR A 225 -10.51 11.54 -18.95
C THR A 225 -9.44 10.92 -19.81
N GLN A 226 -9.70 10.77 -21.11
CA GLN A 226 -8.71 10.16 -22.00
C GLN A 226 -7.40 10.94 -22.00
N ASP A 227 -7.45 12.27 -21.86
CA ASP A 227 -6.29 13.11 -22.10
C ASP A 227 -5.56 13.54 -20.83
N THR A 228 -6.03 13.10 -19.66
CA THR A 228 -5.40 13.45 -18.38
C THR A 228 -4.38 12.38 -17.98
N GLU A 229 -3.15 12.82 -17.72
CA GLU A 229 -2.18 11.97 -17.07
C GLU A 229 -2.39 12.05 -15.56
N LEU A 230 -2.72 10.92 -14.93
CA LEU A 230 -2.85 10.81 -13.48
C LEU A 230 -1.68 10.03 -12.93
N VAL A 231 -0.92 10.62 -12.01
CA VAL A 231 0.07 9.82 -11.29
C VAL A 231 -0.64 9.03 -10.21
N GLU A 232 -0.07 7.87 -9.89
CA GLU A 232 -0.55 7.10 -8.75
C GLU A 232 -0.41 7.91 -7.47
N THR A 233 -1.40 7.80 -6.60
CA THR A 233 -1.34 8.48 -5.32
C THR A 233 -0.17 7.94 -4.50
N ARG A 234 0.62 8.85 -3.97
CA ARG A 234 1.85 8.46 -3.31
C ARG A 234 1.87 8.97 -1.88
N PRO A 235 2.58 8.29 -0.97
CA PRO A 235 2.65 8.76 0.41
C PRO A 235 3.74 9.80 0.62
N ALA A 236 3.42 10.82 1.43
CA ALA A 236 4.40 11.85 1.75
C ALA A 236 5.40 11.40 2.79
N GLY A 237 5.06 10.38 3.58
CA GLY A 237 5.91 9.94 4.67
C GLY A 237 5.46 10.40 6.04
N ASP A 238 4.57 11.38 6.10
CA ASP A 238 4.07 11.93 7.36
C ASP A 238 2.60 11.58 7.60
N ARG A 239 2.15 10.41 7.09
CA ARG A 239 0.76 9.94 7.06
C ARG A 239 -0.06 10.47 5.88
N THR A 240 0.28 11.65 5.34
CA THR A 240 -0.51 12.28 4.27
C THR A 240 -0.06 11.76 2.90
N PHE A 241 -0.83 12.10 1.86
CA PHE A 241 -0.60 11.62 0.49
C PHE A 241 -0.52 12.78 -0.49
N GLN A 242 -0.09 12.47 -1.71
CA GLN A 242 0.05 13.46 -2.77
C GLN A 242 -0.44 12.84 -4.08
N LYS A 243 -0.86 13.71 -5.00
CA LYS A 243 -1.35 13.28 -6.31
C LYS A 243 -1.33 14.47 -7.25
N TRP A 244 -1.24 14.19 -8.54
CA TRP A 244 -1.45 15.27 -9.50
C TRP A 244 -2.10 14.73 -10.77
N ALA A 245 -2.83 15.63 -11.44
CA ALA A 245 -3.46 15.39 -12.74
C ALA A 245 -2.95 16.46 -13.70
N ALA A 246 -2.59 16.03 -14.91
CA ALA A 246 -1.98 16.95 -15.87
C ALA A 246 -2.63 16.77 -17.23
N VAL A 247 -2.75 17.89 -17.94
CA VAL A 247 -3.44 17.95 -19.23
C VAL A 247 -2.67 18.92 -20.13
N VAL A 248 -2.60 18.62 -21.42
CA VAL A 248 -1.83 19.45 -22.35
C VAL A 248 -2.80 20.28 -23.16
N VAL A 249 -2.64 21.59 -23.08
CA VAL A 249 -3.63 22.50 -23.63
C VAL A 249 -3.01 23.33 -24.74
N PRO A 250 -3.77 23.67 -25.78
CA PRO A 250 -3.31 24.68 -26.73
C PRO A 250 -3.02 25.99 -26.03
N SER A 251 -1.85 26.57 -26.33
CA SER A 251 -1.47 27.83 -25.72
C SER A 251 -2.50 28.91 -26.05
N GLY A 252 -2.98 29.59 -25.02
CA GLY A 252 -4.02 30.58 -25.15
C GLY A 252 -5.42 30.08 -24.86
N GLU A 253 -5.60 28.77 -24.71
CA GLU A 253 -6.89 28.17 -24.39
C GLU A 253 -6.98 27.78 -22.91
N GLU A 254 -6.06 28.30 -22.08
CA GLU A 254 -5.92 27.81 -20.70
C GLU A 254 -7.21 27.95 -19.91
N GLN A 255 -7.95 29.04 -20.09
CA GLN A 255 -9.05 29.33 -19.18
C GLN A 255 -10.31 28.54 -19.50
N ARG A 256 -10.30 27.76 -20.57
CA ARG A 256 -11.33 26.76 -20.79
C ARG A 256 -11.11 25.48 -19.98
N TYR A 257 -10.06 25.43 -19.16
CA TYR A 257 -9.69 24.23 -18.41
C TYR A 257 -9.85 24.48 -16.91
N THR A 258 -10.54 23.58 -16.23
CA THR A 258 -10.76 23.65 -14.79
C THR A 258 -10.34 22.34 -14.16
N CYS A 259 -9.69 22.44 -12.99
CA CYS A 259 -9.36 21.28 -12.18
C CYS A 259 -10.35 21.14 -11.05
N HIS A 260 -10.86 19.93 -10.84
CA HIS A 260 -11.87 19.68 -9.83
C HIS A 260 -11.31 18.70 -8.82
N VAL A 261 -11.53 18.99 -7.54
CA VAL A 261 -10.96 18.26 -6.41
C VAL A 261 -12.05 17.94 -5.42
N GLN A 262 -12.32 16.66 -5.20
CA GLN A 262 -13.18 16.23 -4.11
C GLN A 262 -12.36 15.44 -3.12
N HIS A 263 -12.46 15.82 -1.84
CA HIS A 263 -11.83 15.07 -0.76
C HIS A 263 -12.67 15.25 0.50
N GLU A 264 -12.68 14.21 1.34
CA GLU A 264 -13.47 14.23 2.57
C GLU A 264 -13.10 15.37 3.52
N GLY A 265 -11.84 15.82 3.51
CA GLY A 265 -11.48 16.96 4.36
C GLY A 265 -11.83 18.33 3.83
N LEU A 266 -12.38 18.41 2.65
CA LEU A 266 -12.74 19.69 2.06
C LEU A 266 -14.14 20.10 2.51
N PRO A 267 -14.29 21.30 3.04
CA PRO A 267 -15.64 21.85 3.26
C PRO A 267 -16.53 21.74 2.02
N LYS A 268 -16.06 22.28 0.91
CA LYS A 268 -16.73 22.26 -0.39
C LYS A 268 -15.79 21.67 -1.44
N PRO A 269 -16.32 20.99 -2.46
CA PRO A 269 -15.47 20.58 -3.58
C PRO A 269 -14.88 21.80 -4.26
N LEU A 270 -13.70 21.63 -4.83
CA LEU A 270 -12.88 22.75 -5.31
C LEU A 270 -12.88 22.80 -6.83
N THR A 271 -12.79 24.02 -7.35
CA THR A 271 -12.61 24.26 -8.78
C THR A 271 -11.47 25.26 -8.91
N LEU A 272 -10.41 24.87 -9.62
CA LEU A 272 -9.19 25.66 -9.72
C LEU A 272 -8.83 25.89 -11.17
N ARG A 273 -8.33 27.09 -11.47
CA ARG A 273 -7.84 27.44 -12.79
C ARG A 273 -6.38 27.85 -12.69
N TRP A 274 -5.65 27.78 -13.80
CA TRP A 274 -4.32 28.37 -13.79
C TRP A 274 -4.43 29.88 -13.60
N GLU A 275 -3.77 30.39 -12.55
CA GLU A 275 -3.70 31.80 -12.20
C GLU A 275 -2.34 32.35 -12.63
N PRO A 276 -2.23 33.02 -13.79
CA PRO A 276 -0.94 33.62 -14.18
C PRO A 276 -0.59 34.88 -13.38
N MET B 1 5.06 -18.16 -14.74
CA MET B 1 4.90 -17.25 -13.61
C MET B 1 5.08 -15.82 -14.07
N ILE B 2 4.17 -14.96 -13.64
CA ILE B 2 4.12 -13.57 -14.11
C ILE B 2 4.89 -12.69 -13.13
N GLN B 3 5.68 -11.76 -13.68
CA GLN B 3 6.42 -10.77 -12.92
C GLN B 3 5.97 -9.37 -13.36
N ARG B 4 6.17 -8.39 -12.49
CA ARG B 4 5.70 -7.04 -12.75
C ARG B 4 6.78 -6.04 -12.38
N THR B 5 7.07 -5.15 -13.27
CA THR B 5 8.20 -4.26 -13.04
C THR B 5 7.77 -3.05 -12.21
N PRO B 6 8.67 -2.46 -11.40
CA PRO B 6 8.25 -1.36 -10.52
C PRO B 6 8.00 -0.05 -11.24
N LYS B 7 6.95 0.63 -10.82
CA LYS B 7 6.81 2.06 -11.05
C LYS B 7 7.60 2.82 -9.98
N ILE B 8 8.15 3.97 -10.36
CA ILE B 8 9.06 4.72 -9.49
C ILE B 8 8.67 6.20 -9.53
N GLN B 9 8.49 6.80 -8.35
CA GLN B 9 8.28 8.24 -8.25
C GLN B 9 9.29 8.80 -7.28
N VAL B 10 9.95 9.90 -7.67
CA VAL B 10 10.92 10.58 -6.81
C VAL B 10 10.42 11.99 -6.55
N TYR B 11 10.31 12.35 -5.28
CA TYR B 11 9.63 13.57 -4.88
C TYR B 11 10.01 13.85 -3.43
N SER B 12 9.68 15.05 -2.96
CA SER B 12 9.99 15.43 -1.58
C SER B 12 8.71 15.52 -0.76
N ARG B 13 8.84 15.31 0.55
CA ARG B 13 7.69 15.36 1.43
C ARG B 13 7.00 16.72 1.36
N HIS B 14 7.79 17.78 1.43
CA HIS B 14 7.27 19.14 1.37
C HIS B 14 7.78 19.82 0.09
N PRO B 15 7.25 20.98 -0.30
CA PRO B 15 7.80 21.66 -1.49
C PRO B 15 9.25 22.09 -1.26
N ALA B 16 10.09 21.86 -2.26
CA ALA B 16 11.53 22.07 -2.12
C ALA B 16 11.88 23.54 -1.89
N GLU B 17 12.63 23.79 -0.81
CA GLU B 17 13.10 25.14 -0.48
C GLU B 17 14.57 25.05 -0.09
N ASN B 18 15.45 25.56 -0.96
CA ASN B 18 16.89 25.49 -0.75
C ASN B 18 17.27 26.05 0.61
N GLY B 19 18.07 25.29 1.36
CA GLY B 19 18.46 25.65 2.70
C GLY B 19 17.62 25.06 3.81
N LYS B 20 16.39 24.64 3.51
CA LYS B 20 15.47 24.13 4.53
C LYS B 20 15.40 22.60 4.52
N SER B 21 15.45 22.01 5.72
CA SER B 21 15.34 20.57 5.83
C SER B 21 14.01 20.08 5.27
N ASN B 22 14.04 18.84 4.79
CA ASN B 22 12.93 18.23 4.06
C ASN B 22 13.14 16.72 4.12
N PHE B 23 12.31 15.97 3.40
CA PHE B 23 12.50 14.54 3.23
C PHE B 23 12.47 14.22 1.75
N LEU B 24 13.37 13.33 1.32
CA LEU B 24 13.40 12.85 -0.05
C LEU B 24 12.76 11.47 -0.13
N ASN B 25 11.76 11.31 -0.99
CA ASN B 25 11.02 10.07 -1.12
C ASN B 25 11.28 9.36 -2.44
N CYS B 26 11.42 8.05 -2.38
CA CYS B 26 11.40 7.19 -3.55
C CYS B 26 10.38 6.09 -3.29
N TYR B 27 9.31 6.13 -4.07
CA TYR B 27 8.15 5.27 -3.87
C TYR B 27 8.11 4.30 -5.04
N VAL B 28 8.27 3.01 -4.74
CA VAL B 28 8.26 1.97 -5.75
C VAL B 28 7.02 1.13 -5.52
N SER B 29 6.30 0.83 -6.60
CA SER B 29 4.99 0.21 -6.52
C SER B 29 4.76 -0.61 -7.77
N GLY B 30 3.74 -1.47 -7.71
CA GLY B 30 3.34 -2.30 -8.83
C GLY B 30 4.26 -3.45 -9.16
N PHE B 31 5.24 -3.76 -8.32
CA PHE B 31 6.20 -4.81 -8.67
C PHE B 31 5.84 -6.15 -8.02
N HIS B 32 6.31 -7.20 -8.65
CA HIS B 32 6.15 -8.57 -8.18
C HIS B 32 7.20 -9.42 -8.89
N PRO B 33 8.02 -10.19 -8.15
CA PRO B 33 7.95 -10.43 -6.70
C PRO B 33 8.57 -9.32 -5.87
N SER B 34 8.66 -9.55 -4.54
CA SER B 34 8.89 -8.45 -3.61
C SER B 34 10.35 -8.07 -3.44
N ASP B 35 11.30 -8.92 -3.84
CA ASP B 35 12.71 -8.56 -3.74
C ASP B 35 12.98 -7.35 -4.62
N ILE B 36 13.57 -6.32 -4.02
CA ILE B 36 13.80 -5.08 -4.73
C ILE B 36 14.98 -4.39 -4.06
N GLU B 37 15.77 -3.69 -4.84
CA GLU B 37 16.90 -2.93 -4.35
C GLU B 37 16.66 -1.47 -4.68
N VAL B 38 16.71 -0.63 -3.65
CA VAL B 38 16.42 0.80 -3.80
C VAL B 38 17.51 1.56 -3.07
N ASP B 39 18.20 2.44 -3.80
CA ASP B 39 19.19 3.32 -3.20
C ASP B 39 18.86 4.77 -3.56
N LEU B 40 19.12 5.67 -2.62
CA LEU B 40 18.99 7.10 -2.86
C LEU B 40 20.38 7.68 -3.13
N LEU B 41 20.46 8.57 -4.12
CA LEU B 41 21.73 9.04 -4.65
C LEU B 41 21.85 10.54 -4.46
N LYS B 42 22.95 10.98 -3.84
CA LYS B 42 23.31 12.39 -3.69
C LYS B 42 24.45 12.70 -4.66
N ASN B 43 24.12 13.39 -5.75
CA ASN B 43 25.06 13.80 -6.80
C ASN B 43 25.62 12.61 -7.56
N GLY B 44 25.36 11.40 -7.07
CA GLY B 44 25.70 10.20 -7.79
C GLY B 44 25.96 9.06 -6.82
N GLU B 45 26.00 9.37 -5.54
CA GLU B 45 26.55 8.46 -4.52
C GLU B 45 25.46 7.94 -3.59
N ARG B 46 25.56 6.67 -3.22
CA ARG B 46 24.61 6.08 -2.28
C ARG B 46 24.57 6.89 -1.00
N ILE B 47 23.38 7.03 -0.43
CA ILE B 47 23.21 7.71 0.84
C ILE B 47 23.01 6.66 1.93
N GLU B 48 23.70 6.83 3.04
CA GLU B 48 23.55 5.94 4.18
C GLU B 48 22.31 6.32 4.98
N LYS B 49 21.91 5.41 5.88
CA LYS B 49 20.83 5.66 6.83
C LYS B 49 19.50 5.99 6.14
N VAL B 50 19.30 5.48 4.92
CA VAL B 50 18.00 5.51 4.28
C VAL B 50 17.11 4.47 4.95
N GLU B 51 15.88 4.86 5.26
CA GLU B 51 14.90 3.94 5.81
C GLU B 51 13.85 3.59 4.76
N HIS B 52 12.96 2.67 5.12
CA HIS B 52 11.89 2.32 4.21
C HIS B 52 10.73 1.74 5.01
N SER B 53 9.52 1.97 4.47
CA SER B 53 8.29 1.43 5.05
C SER B 53 8.30 -0.09 5.04
N ASP B 54 7.42 -0.69 5.84
CA ASP B 54 7.27 -2.13 5.84
C ASP B 54 6.54 -2.59 4.55
N LEU B 55 6.77 -3.85 4.21
CA LEU B 55 6.29 -4.38 2.94
C LEU B 55 4.79 -4.61 2.99
N SER B 56 4.05 -3.91 2.16
CA SER B 56 2.65 -4.26 1.98
C SER B 56 2.35 -4.42 0.50
N PHE B 57 1.08 -4.63 0.15
CA PHE B 57 0.74 -4.82 -1.26
C PHE B 57 -0.66 -4.28 -1.53
N SER B 58 -0.94 -4.05 -2.82
CA SER B 58 -2.15 -3.41 -3.28
C SER B 58 -3.21 -4.46 -3.61
N LYS B 59 -4.42 -3.98 -3.94
CA LYS B 59 -5.54 -4.88 -4.24
C LYS B 59 -5.17 -5.92 -5.29
N ASP B 60 -4.31 -5.56 -6.24
CA ASP B 60 -3.93 -6.45 -7.33
C ASP B 60 -2.72 -7.33 -6.99
N TRP B 61 -2.36 -7.42 -5.70
CA TRP B 61 -1.29 -8.22 -5.15
C TRP B 61 0.10 -7.67 -5.40
N SER B 62 0.25 -6.59 -6.16
CA SER B 62 1.59 -6.06 -6.39
C SER B 62 2.07 -5.31 -5.16
N PHE B 63 3.37 -5.33 -4.92
CA PHE B 63 3.97 -4.75 -3.72
C PHE B 63 4.26 -3.27 -3.89
N TYR B 64 4.40 -2.57 -2.76
CA TYR B 64 4.90 -1.21 -2.74
C TYR B 64 5.70 -0.97 -1.48
N LEU B 65 6.68 -0.08 -1.59
CA LEU B 65 7.52 0.37 -0.49
C LEU B 65 7.83 1.83 -0.69
N LEU B 66 8.02 2.54 0.42
CA LEU B 66 8.50 3.92 0.37
C LEU B 66 9.89 3.99 1.00
N TYR B 67 10.87 4.48 0.24
CA TYR B 67 12.21 4.74 0.75
C TYR B 67 12.38 6.22 0.99
N TYR B 68 12.93 6.59 2.15
CA TYR B 68 13.03 8.01 2.50
C TYR B 68 14.28 8.26 3.35
N THR B 69 14.76 9.51 3.27
CA THR B 69 15.78 9.99 4.18
C THR B 69 15.62 11.51 4.30
N GLU B 70 16.03 12.03 5.45
CA GLU B 70 16.06 13.47 5.64
C GLU B 70 17.20 14.06 4.82
N PHE B 71 17.00 15.30 4.36
CA PHE B 71 18.01 15.97 3.55
C PHE B 71 17.70 17.45 3.49
N THR B 72 18.64 18.22 2.94
CA THR B 72 18.46 19.66 2.76
C THR B 72 18.84 20.05 1.35
N PRO B 73 17.88 20.44 0.52
CA PRO B 73 18.17 20.69 -0.90
C PRO B 73 18.91 22.00 -1.09
N THR B 74 19.88 21.96 -2.00
CA THR B 74 20.54 23.13 -2.54
C THR B 74 20.29 23.16 -4.05
N GLU B 75 20.61 24.28 -4.69
CA GLU B 75 20.49 24.30 -6.15
C GLU B 75 21.55 23.42 -6.78
N LYS B 76 22.67 23.20 -6.08
CA LYS B 76 23.78 22.42 -6.61
C LYS B 76 23.48 20.92 -6.59
N ASP B 77 23.24 20.37 -5.40
CA ASP B 77 23.05 18.94 -5.23
C ASP B 77 21.90 18.44 -6.10
N GLU B 78 22.16 17.40 -6.89
CA GLU B 78 21.12 16.75 -7.68
C GLU B 78 20.89 15.35 -7.12
N TYR B 79 19.61 14.97 -6.98
CA TYR B 79 19.26 13.72 -6.33
C TYR B 79 18.57 12.78 -7.31
N ALA B 80 18.61 11.49 -6.99
CA ALA B 80 18.01 10.49 -7.85
C ALA B 80 17.78 9.22 -7.02
N CYS B 81 16.99 8.31 -7.59
CA CYS B 81 16.68 7.04 -6.94
C CYS B 81 17.05 5.93 -7.91
N ARG B 82 17.76 4.91 -7.40
CA ARG B 82 18.25 3.82 -8.24
C ARG B 82 17.61 2.51 -7.80
N VAL B 83 16.88 1.88 -8.70
CA VAL B 83 16.04 0.73 -8.41
C VAL B 83 16.51 -0.43 -9.26
N ASN B 84 16.63 -1.59 -8.64
CA ASN B 84 16.91 -2.83 -9.34
C ASN B 84 15.91 -3.89 -8.90
N HIS B 85 15.53 -4.72 -9.85
CA HIS B 85 14.48 -5.71 -9.68
C HIS B 85 14.69 -6.78 -10.73
N VAL B 86 14.16 -7.98 -10.45
CA VAL B 86 14.38 -9.09 -11.38
C VAL B 86 13.84 -8.76 -12.77
N THR B 87 12.81 -7.91 -12.87
CA THR B 87 12.30 -7.54 -14.19
C THR B 87 13.21 -6.61 -14.95
N LEU B 88 14.21 -6.00 -14.30
CA LEU B 88 15.02 -4.95 -14.90
C LEU B 88 16.37 -5.48 -15.34
N SER B 89 16.74 -5.21 -16.60
CA SER B 89 18.01 -5.68 -17.12
C SER B 89 19.18 -4.99 -16.43
N GLN B 90 19.11 -3.69 -16.27
CA GLN B 90 20.12 -2.96 -15.51
C GLN B 90 19.38 -2.11 -14.47
N PRO B 91 20.07 -1.69 -13.42
CA PRO B 91 19.44 -0.76 -12.48
C PRO B 91 18.88 0.43 -13.23
N LYS B 92 17.75 0.91 -12.74
CA LYS B 92 17.05 2.03 -13.32
C LYS B 92 17.17 3.21 -12.36
N ILE B 93 17.55 4.37 -12.91
CA ILE B 93 17.77 5.57 -12.13
C ILE B 93 16.73 6.59 -12.54
N VAL B 94 16.03 7.15 -11.56
CA VAL B 94 15.05 8.20 -11.79
C VAL B 94 15.52 9.43 -11.03
N LYS B 95 15.70 10.54 -11.74
CA LYS B 95 16.18 11.74 -11.08
C LYS B 95 15.02 12.49 -10.42
N TRP B 96 15.32 13.13 -9.31
CA TRP B 96 14.39 14.07 -8.68
C TRP B 96 14.26 15.31 -9.56
N ASP B 97 13.10 15.47 -10.19
CA ASP B 97 12.77 16.63 -11.01
C ASP B 97 11.96 17.58 -10.12
N ARG B 98 12.59 18.66 -9.66
CA ARG B 98 12.07 19.42 -8.53
C ARG B 98 10.71 20.03 -8.83
N ASP B 99 10.61 20.86 -9.88
CA ASP B 99 9.38 21.59 -10.20
C ASP B 99 8.17 20.65 -10.46
N THR C 1 -6.87 -6.49 15.83
CA THR C 1 -6.19 -7.66 16.37
C THR C 1 -6.29 -8.80 15.36
N VAL C 2 -5.25 -9.62 15.28
CA VAL C 2 -5.20 -10.66 14.25
C VAL C 2 -6.27 -11.72 14.51
N ALA C 3 -6.74 -12.34 13.43
CA ALA C 3 -7.54 -13.54 13.55
C ALA C 3 -6.69 -14.68 14.08
N ALA C 4 -7.35 -15.63 14.73
CA ALA C 4 -6.68 -16.84 15.18
C ALA C 4 -6.01 -17.54 13.99
N SER C 5 -4.85 -18.16 14.28
CA SER C 5 -4.14 -18.93 13.27
C SER C 5 -5.07 -19.89 12.55
N GLY C 6 -5.02 -19.84 11.21
CA GLY C 6 -5.85 -20.69 10.38
C GLY C 6 -5.12 -21.96 9.96
N HIS C 7 -5.85 -22.83 9.29
CA HIS C 7 -5.29 -24.11 8.89
C HIS C 7 -4.33 -23.92 7.73
N SER C 8 -3.37 -24.84 7.63
CA SER C 8 -2.41 -24.81 6.52
C SER C 8 -3.13 -25.03 5.19
N TYR C 9 -2.59 -24.40 4.14
CA TYR C 9 -3.12 -24.52 2.78
C TYR C 9 -2.95 -25.94 2.24
C ACT D . -12.33 -4.88 22.85
O ACT D . -12.42 -3.63 22.99
OXT ACT D . -12.04 -5.61 23.83
CH3 ACT D . -12.57 -5.53 21.48
C1 EDO E . 7.06 15.75 -8.21
O1 EDO E . 8.33 16.24 -7.81
C2 EDO E . 7.27 14.62 -9.24
O2 EDO E . 6.04 14.17 -9.77
C ACT F . 6.80 17.62 -12.51
O ACT F . 6.42 18.81 -12.57
OXT ACT F . 8.02 17.38 -12.70
CH3 ACT F . 5.81 16.50 -12.22
#